data_5N2T
#
_entry.id   5N2T
#
_cell.length_a   93.047
_cell.length_b   93.047
_cell.length_c   130.795
_cell.angle_alpha   90.00
_cell.angle_beta   90.00
_cell.angle_gamma   120.00
#
_symmetry.space_group_name_H-M   'P 61 2 2'
#
loop_
_entity.id
_entity.type
_entity.pdbx_description
1 polymer Thermolysin
2 non-polymer 'ZINC ION'
3 non-polymer 'CALCIUM ION'
4 non-polymer 'DIMETHYL SULFOXIDE'
5 non-polymer '~{N}-[(2~{S})-1-(3-azanylpropylamino)-4-methyl-1-oxidanylidene-pentan-2-yl]-(phenylmethoxycarbonylaminomethyl)phosphonamidic acid'
6 water water
#
_entity_poly.entity_id   1
_entity_poly.type   'polypeptide(L)'
_entity_poly.pdbx_seq_one_letter_code
;ITGTSTVGVGRGVLGDQKNINTTYSTYYYLQDNTRGNGIFTYDAKYRTTLPGSLWADADNQFFASYDAPAVDAHYYAGVT
YDYYKNVHNRLSYDGNNAAIRSSVHYSQGYNNAFWNGSQMVYGDGDGQTFIPLSGGIDVVAHELTHAVTDYTAGLIYQNE
SGAINEAISDIFGTLVEFYANKNPDWEIGEDVYTPGISGDSLRSMSDPAKYGDPDHYSKRYTGTQDNGGVHINSGIINKA
AYLISQGGTHYGVSVVGIGRDKLGKIFYRALTQYLTPTSNFSQLRAAAVQSATDLYGSTSQEVASVKQAFDAVGVK
;
_entity_poly.pdbx_strand_id   E
#
loop_
_chem_comp.id
_chem_comp.type
_chem_comp.name
_chem_comp.formula
8KK non-polymer '~{N}-[(2~{S})-1-(3-azanylpropylamino)-4-methyl-1-oxidanylidene-pentan-2-yl]-(phenylmethoxycarbonylaminomethyl)phosphonamidic acid' 'C18 H31 N4 O5 P'
CA non-polymer 'CALCIUM ION' 'Ca 2'
DMS non-polymer 'DIMETHYL SULFOXIDE' 'C2 H6 O S'
ZN non-polymer 'ZINC ION' 'Zn 2'
#
# COMPACT_ATOMS: atom_id res chain seq x y z
N ILE A 1 -23.62 -0.75 10.67
CA ILE A 1 -24.82 -0.57 11.53
C ILE A 1 -25.58 0.68 11.08
N THR A 2 -26.90 0.69 11.32
CA THR A 2 -27.70 1.88 11.07
C THR A 2 -27.50 2.88 12.20
N GLY A 3 -27.24 4.11 11.85
CA GLY A 3 -27.06 5.14 12.85
C GLY A 3 -26.82 6.48 12.19
N THR A 4 -26.33 7.43 12.95
CA THR A 4 -26.08 8.76 12.40
C THR A 4 -24.57 9.02 12.37
N SER A 5 -24.12 9.71 11.32
CA SER A 5 -22.70 9.96 11.16
C SER A 5 -22.22 11.01 12.15
N THR A 6 -21.09 10.70 12.78
CA THR A 6 -20.52 11.50 13.84
C THR A 6 -19.02 11.67 13.57
N VAL A 7 -18.38 12.56 14.32
CA VAL A 7 -16.94 12.81 14.18
C VAL A 7 -16.32 12.65 15.56
N GLY A 8 -15.50 11.62 15.71
CA GLY A 8 -14.74 11.41 16.92
C GLY A 8 -13.33 11.95 16.78
N VAL A 9 -12.59 11.86 17.87
N VAL A 9 -12.61 11.87 17.88
CA VAL A 9 -11.23 12.36 17.91
CA VAL A 9 -11.24 12.37 17.99
C VAL A 9 -10.38 11.37 18.70
C VAL A 9 -10.40 11.30 18.68
N GLY A 10 -9.17 11.12 18.22
CA GLY A 10 -8.29 10.19 18.88
C GLY A 10 -6.84 10.39 18.56
N ARG A 11 -6.03 9.45 19.03
CA ARG A 11 -4.59 9.49 18.86
C ARG A 11 -4.16 8.20 18.18
N GLY A 12 -3.31 8.32 17.19
CA GLY A 12 -2.79 7.17 16.48
C GLY A 12 -1.57 6.55 17.16
N VAL A 13 -1.01 5.55 16.46
CA VAL A 13 0.10 4.77 16.98
C VAL A 13 1.31 5.64 17.32
N LEU A 14 1.60 6.66 16.51
CA LEU A 14 2.73 7.55 16.74
C LEU A 14 2.41 8.72 17.67
N GLY A 15 1.23 8.76 18.26
CA GLY A 15 0.91 9.80 19.23
C GLY A 15 0.25 11.03 18.66
N ASP A 16 -0.09 11.02 17.39
CA ASP A 16 -0.65 12.19 16.74
C ASP A 16 -2.17 12.19 16.82
N GLN A 17 -2.74 13.37 17.02
CA GLN A 17 -4.19 13.50 17.14
C GLN A 17 -4.83 13.64 15.75
N LYS A 18 -5.98 12.99 15.56
CA LYS A 18 -6.72 13.13 14.30
C LYS A 18 -8.21 12.92 14.56
N ASN A 19 -9.03 13.53 13.71
CA ASN A 19 -10.46 13.27 13.71
C ASN A 19 -10.76 12.04 12.88
N ILE A 20 -11.79 11.30 13.30
N ILE A 20 -11.78 11.28 13.31
CA ILE A 20 -12.21 10.08 12.63
CA ILE A 20 -12.21 10.11 12.58
C ILE A 20 -13.72 10.08 12.45
C ILE A 20 -13.73 10.14 12.42
N ASN A 21 -14.18 9.61 11.30
CA ASN A 21 -15.60 9.49 11.02
C ASN A 21 -16.16 8.24 11.68
N THR A 22 -17.17 8.42 12.53
CA THR A 22 -17.78 7.34 13.29
C THR A 22 -19.28 7.34 13.02
N THR A 23 -19.96 6.36 13.61
CA THR A 23 -21.42 6.22 13.53
C THR A 23 -21.96 6.01 14.92
N TYR A 24 -23.00 6.78 15.29
CA TYR A 24 -23.61 6.65 16.61
C TYR A 24 -24.92 5.87 16.55
N SER A 25 -24.98 4.83 17.37
CA SER A 25 -26.20 4.07 17.64
C SER A 25 -25.92 3.33 18.95
N THR A 26 -26.31 3.95 20.08
CA THR A 26 -25.99 3.55 21.46
C THR A 26 -24.50 3.73 21.77
N TYR A 27 -23.65 3.08 21.00
CA TYR A 27 -22.21 3.30 21.01
C TYR A 27 -21.80 4.10 19.79
N TYR A 28 -20.58 4.61 19.83
CA TYR A 28 -19.91 5.17 18.67
C TYR A 28 -19.04 4.09 18.03
N TYR A 29 -19.29 3.80 16.76
CA TYR A 29 -18.60 2.73 16.04
C TYR A 29 -17.62 3.33 15.04
N LEU A 30 -16.51 2.62 14.81
CA LEU A 30 -15.59 2.98 13.74
C LEU A 30 -16.20 2.53 12.41
N GLN A 31 -17.10 3.38 11.94
CA GLN A 31 -17.83 3.18 10.69
C GLN A 31 -17.96 4.57 10.08
N ASP A 32 -17.22 4.78 8.98
CA ASP A 32 -17.15 6.04 8.26
C ASP A 32 -18.11 5.94 7.09
N ASN A 33 -19.22 6.68 7.16
CA ASN A 33 -20.23 6.65 6.11
C ASN A 33 -19.97 7.67 5.01
N THR A 34 -18.89 8.45 5.11
CA THR A 34 -18.65 9.54 4.17
C THR A 34 -17.97 9.07 2.90
N ARG A 35 -17.51 7.81 2.85
CA ARG A 35 -16.72 7.30 1.73
C ARG A 35 -17.37 6.02 1.21
N GLY A 36 -17.86 6.08 -0.03
CA GLY A 36 -18.46 4.91 -0.66
C GLY A 36 -19.55 4.28 0.17
N ASN A 37 -19.52 2.95 0.26
CA ASN A 37 -20.44 2.20 1.09
C ASN A 37 -19.87 1.89 2.46
N GLY A 38 -18.92 2.69 2.90
CA GLY A 38 -18.46 2.70 4.26
C GLY A 38 -17.04 2.16 4.42
N ILE A 39 -16.39 2.63 5.47
CA ILE A 39 -15.14 2.07 5.96
C ILE A 39 -15.40 1.61 7.39
N PHE A 40 -15.09 0.34 7.67
CA PHE A 40 -15.45 -0.31 8.92
C PHE A 40 -14.20 -0.89 9.53
N THR A 41 -13.97 -0.61 10.82
CA THR A 41 -12.79 -1.08 11.52
C THR A 41 -13.21 -1.93 12.70
N TYR A 42 -12.56 -3.10 12.85
CA TYR A 42 -12.94 -4.15 13.78
C TYR A 42 -11.81 -4.45 14.77
N ASP A 43 -12.19 -4.93 15.95
CA ASP A 43 -11.26 -5.41 16.98
C ASP A 43 -11.16 -6.93 16.90
N ALA A 44 -9.97 -7.44 16.56
CA ALA A 44 -9.73 -8.89 16.58
C ALA A 44 -9.32 -9.41 17.96
N LYS A 45 -9.07 -8.52 18.93
CA LYS A 45 -8.95 -8.90 20.36
C LYS A 45 -7.82 -9.88 20.63
N TYR A 46 -6.73 -9.77 19.87
CA TYR A 46 -5.55 -10.61 19.99
C TYR A 46 -5.74 -12.02 19.47
N ARG A 47 -6.88 -12.32 18.86
CA ARG A 47 -7.16 -13.63 18.31
C ARG A 47 -7.02 -13.62 16.79
N THR A 48 -7.27 -14.77 16.19
CA THR A 48 -7.09 -14.94 14.76
C THR A 48 -8.41 -15.19 14.05
N THR A 49 -9.54 -15.09 14.75
N THR A 49 -9.52 -15.15 14.77
CA THR A 49 -10.84 -15.24 14.11
CA THR A 49 -10.83 -15.17 14.14
C THR A 49 -11.27 -13.87 13.59
C THR A 49 -11.08 -13.82 13.51
N LEU A 50 -11.63 -13.81 12.30
CA LEU A 50 -11.87 -12.56 11.57
C LEU A 50 -13.32 -12.45 11.14
N PRO A 51 -13.87 -11.23 11.10
CA PRO A 51 -13.16 -9.98 11.37
C PRO A 51 -13.04 -9.59 12.84
N GLY A 52 -13.74 -10.26 13.73
CA GLY A 52 -13.88 -9.78 15.09
C GLY A 52 -15.10 -8.90 15.20
N SER A 53 -15.06 -7.93 16.10
N SER A 53 -15.12 -8.00 16.18
CA SER A 53 -16.22 -7.13 16.43
CA SER A 53 -16.30 -7.18 16.42
C SER A 53 -16.05 -5.72 15.89
C SER A 53 -16.09 -5.74 15.95
N LEU A 54 -17.12 -5.19 15.29
CA LEU A 54 -17.06 -3.80 14.85
C LEU A 54 -16.69 -2.92 16.03
N TRP A 55 -15.71 -2.05 15.85
CA TRP A 55 -15.13 -1.34 16.99
C TRP A 55 -16.15 -0.39 17.60
N ALA A 56 -16.47 -0.60 18.88
CA ALA A 56 -17.45 0.17 19.65
C ALA A 56 -16.77 0.94 20.77
N ASP A 57 -17.18 2.20 20.96
CA ASP A 57 -16.61 3.08 21.95
C ASP A 57 -17.71 3.90 22.59
N ALA A 58 -17.66 4.07 23.92
CA ALA A 58 -18.75 4.71 24.64
C ALA A 58 -18.85 6.22 24.41
N ASP A 59 -17.73 6.93 24.18
CA ASP A 59 -17.76 8.38 24.21
C ASP A 59 -17.23 9.10 22.97
N ASN A 60 -16.85 8.37 21.93
CA ASN A 60 -16.38 8.97 20.69
C ASN A 60 -14.99 9.61 20.83
N GLN A 61 -14.26 9.29 21.89
CA GLN A 61 -12.89 9.75 22.12
C GLN A 61 -12.01 8.51 22.14
N PHE A 62 -10.92 8.53 21.37
CA PHE A 62 -10.12 7.34 21.11
C PHE A 62 -8.65 7.62 21.45
N PHE A 63 -8.38 7.88 22.74
CA PHE A 63 -7.05 8.23 23.23
C PHE A 63 -6.40 7.14 24.06
N ALA A 64 -7.04 5.98 24.20
CA ALA A 64 -6.42 4.90 24.95
C ALA A 64 -5.37 4.21 24.08
N SER A 65 -4.35 3.66 24.74
N SER A 65 -4.34 3.68 24.74
CA SER A 65 -3.32 2.97 23.97
CA SER A 65 -3.31 2.97 23.99
C SER A 65 -3.90 1.86 23.11
C SER A 65 -3.93 1.88 23.10
N TYR A 66 -4.91 1.14 23.63
CA TYR A 66 -5.54 0.06 22.87
C TYR A 66 -6.26 0.59 21.64
N ASP A 67 -6.69 1.85 21.64
CA ASP A 67 -7.40 2.44 20.53
C ASP A 67 -6.48 2.80 19.36
N ALA A 68 -5.19 3.04 19.62
CA ALA A 68 -4.35 3.69 18.61
C ALA A 68 -4.27 2.94 17.29
N PRO A 69 -4.12 1.61 17.26
CA PRO A 69 -4.06 0.94 15.95
C PRO A 69 -5.36 1.05 15.18
N ALA A 70 -6.48 1.11 15.88
CA ALA A 70 -7.76 1.22 15.21
C ALA A 70 -7.94 2.60 14.61
N VAL A 71 -7.56 3.65 15.35
CA VAL A 71 -7.63 5.01 14.85
C VAL A 71 -6.90 5.11 13.51
N ASP A 72 -5.68 4.59 13.44
CA ASP A 72 -4.86 4.72 12.24
C ASP A 72 -5.34 3.83 11.10
N ALA A 73 -5.76 2.59 11.38
CA ALA A 73 -6.28 1.75 10.31
C ALA A 73 -7.47 2.42 9.66
N HIS A 74 -8.33 3.00 10.49
CA HIS A 74 -9.57 3.63 10.01
C HIS A 74 -9.24 4.90 9.23
N TYR A 75 -8.41 5.77 9.81
CA TYR A 75 -8.08 7.05 9.18
C TYR A 75 -7.29 6.85 7.89
N TYR A 76 -6.27 5.98 7.91
CA TYR A 76 -5.46 5.79 6.71
C TYR A 76 -6.21 5.04 5.62
N ALA A 77 -7.17 4.19 5.96
CA ALA A 77 -8.03 3.63 4.92
C ALA A 77 -8.80 4.75 4.22
N GLY A 78 -9.24 5.76 4.98
CA GLY A 78 -9.91 6.90 4.37
C GLY A 78 -9.01 7.68 3.43
N VAL A 79 -7.75 7.91 3.84
CA VAL A 79 -6.82 8.61 2.96
C VAL A 79 -6.60 7.83 1.68
N THR A 80 -6.45 6.51 1.79
CA THR A 80 -6.20 5.68 0.62
C THR A 80 -7.41 5.67 -0.31
N TYR A 81 -8.62 5.58 0.25
CA TYR A 81 -9.84 5.74 -0.53
C TYR A 81 -9.81 7.05 -1.31
N ASP A 82 -9.47 8.14 -0.61
CA ASP A 82 -9.45 9.46 -1.24
C ASP A 82 -8.44 9.52 -2.37
N TYR A 83 -7.26 8.93 -2.17
CA TYR A 83 -6.27 8.91 -3.25
C TYR A 83 -6.83 8.23 -4.49
N TYR A 84 -7.38 7.02 -4.34
CA TYR A 84 -7.85 6.32 -5.53
C TYR A 84 -9.01 7.06 -6.19
N LYS A 85 -9.91 7.66 -5.40
CA LYS A 85 -11.04 8.36 -5.98
C LYS A 85 -10.60 9.66 -6.66
N ASN A 86 -9.83 10.48 -5.96
CA ASN A 86 -9.50 11.81 -6.43
C ASN A 86 -8.45 11.80 -7.54
N VAL A 87 -7.50 10.87 -7.47
CA VAL A 87 -6.40 10.84 -8.41
C VAL A 87 -6.71 9.93 -9.60
N HIS A 88 -7.35 8.79 -9.38
CA HIS A 88 -7.56 7.80 -10.45
C HIS A 88 -9.02 7.57 -10.78
N ASN A 89 -9.94 8.32 -10.16
CA ASN A 89 -11.37 8.16 -10.44
C ASN A 89 -11.81 6.71 -10.20
N ARG A 90 -11.25 6.07 -9.18
CA ARG A 90 -11.62 4.72 -8.80
C ARG A 90 -12.35 4.74 -7.47
N LEU A 91 -13.53 4.12 -7.44
CA LEU A 91 -14.40 4.09 -6.25
C LEU A 91 -14.17 2.79 -5.49
N SER A 92 -13.39 2.88 -4.41
CA SER A 92 -12.98 1.73 -3.61
C SER A 92 -12.20 0.70 -4.41
N TYR A 93 -11.92 -0.45 -3.79
CA TYR A 93 -11.01 -1.40 -4.41
C TYR A 93 -11.63 -2.11 -5.60
N ASP A 94 -12.95 -2.26 -5.62
CA ASP A 94 -13.62 -2.95 -6.72
C ASP A 94 -14.14 -2.00 -7.79
N GLY A 95 -13.93 -0.70 -7.64
CA GLY A 95 -14.46 0.27 -8.57
C GLY A 95 -15.94 0.56 -8.42
N ASN A 96 -16.60 -0.09 -7.46
N ASN A 96 -16.64 -0.10 -7.49
CA ASN A 96 -18.03 0.02 -7.22
CA ASN A 96 -18.07 0.15 -7.28
C ASN A 96 -18.31 0.30 -5.76
C ASN A 96 -18.37 0.45 -5.82
N ASN A 97 -17.40 1.02 -5.10
CA ASN A 97 -17.61 1.48 -3.72
C ASN A 97 -17.85 0.34 -2.74
N ALA A 98 -17.19 -0.81 -2.93
CA ALA A 98 -17.25 -1.87 -1.92
C ALA A 98 -16.88 -1.32 -0.55
N ALA A 99 -17.57 -1.79 0.48
CA ALA A 99 -17.21 -1.47 1.85
C ALA A 99 -15.80 -1.93 2.12
N ILE A 100 -15.03 -1.10 2.82
CA ILE A 100 -13.64 -1.40 3.17
C ILE A 100 -13.59 -1.81 4.64
N ARG A 101 -13.12 -3.03 4.91
CA ARG A 101 -13.10 -3.58 6.26
C ARG A 101 -11.66 -3.88 6.69
N SER A 102 -11.31 -3.49 7.91
CA SER A 102 -10.00 -3.76 8.50
C SER A 102 -10.18 -4.29 9.91
N SER A 103 -9.32 -5.24 10.31
CA SER A 103 -9.25 -5.68 11.69
C SER A 103 -7.86 -5.39 12.25
N VAL A 104 -7.82 -4.87 13.47
CA VAL A 104 -6.59 -4.61 14.20
C VAL A 104 -6.52 -5.50 15.44
N HIS A 105 -5.37 -5.46 16.11
CA HIS A 105 -5.09 -6.37 17.22
C HIS A 105 -5.22 -7.83 16.79
N TYR A 106 -4.76 -8.14 15.58
CA TYR A 106 -4.76 -9.53 15.11
C TYR A 106 -3.62 -10.32 15.72
N SER A 107 -3.97 -11.43 16.35
CA SER A 107 -3.02 -12.35 16.95
C SER A 107 -2.20 -11.69 18.07
N GLN A 108 -1.09 -12.31 18.45
CA GLN A 108 -0.20 -11.81 19.48
C GLN A 108 1.20 -11.70 18.90
N GLY A 109 1.82 -10.54 19.07
CA GLY A 109 3.19 -10.37 18.60
C GLY A 109 3.33 -10.49 17.09
N TYR A 110 2.28 -10.15 16.33
CA TYR A 110 2.23 -10.49 14.90
C TYR A 110 2.91 -9.38 14.09
N ASN A 111 4.03 -9.73 13.46
CA ASN A 111 4.90 -8.79 12.74
C ASN A 111 4.53 -8.69 11.27
N ASN A 112 3.25 -8.51 10.96
CA ASN A 112 2.84 -8.47 9.56
C ASN A 112 1.46 -7.84 9.47
N ALA A 113 1.06 -7.61 8.22
CA ALA A 113 -0.26 -7.15 7.85
C ALA A 113 -0.56 -7.80 6.51
N PHE A 114 -1.86 -7.94 6.18
CA PHE A 114 -2.22 -8.62 4.93
C PHE A 114 -3.66 -8.31 4.56
N TRP A 115 -3.95 -8.52 3.29
CA TRP A 115 -5.29 -8.63 2.72
C TRP A 115 -5.61 -10.11 2.60
N ASN A 116 -6.72 -10.56 3.20
CA ASN A 116 -7.01 -11.98 3.28
C ASN A 116 -7.94 -12.48 2.19
N GLY A 117 -8.15 -11.68 1.13
CA GLY A 117 -9.13 -11.94 0.09
C GLY A 117 -10.40 -11.15 0.25
N SER A 118 -10.66 -10.62 1.46
CA SER A 118 -11.91 -9.94 1.77
C SER A 118 -11.73 -8.70 2.64
N GLN A 119 -10.61 -8.56 3.34
CA GLN A 119 -10.44 -7.46 4.30
C GLN A 119 -8.96 -7.31 4.59
N MET A 120 -8.63 -6.17 5.19
CA MET A 120 -7.28 -5.91 5.69
C MET A 120 -7.16 -6.38 7.13
N VAL A 121 -5.95 -6.78 7.51
CA VAL A 121 -5.65 -7.35 8.81
C VAL A 121 -4.28 -6.83 9.27
N TYR A 122 -4.22 -6.32 10.49
CA TYR A 122 -2.99 -5.73 11.04
C TYR A 122 -2.60 -6.36 12.36
N GLY A 123 -1.38 -6.87 12.43
CA GLY A 123 -0.79 -7.21 13.69
C GLY A 123 -0.40 -6.00 14.53
N ASP A 124 -0.11 -6.26 15.80
CA ASP A 124 0.43 -5.26 16.71
C ASP A 124 1.94 -5.22 16.69
N GLY A 125 2.60 -6.16 16.01
CA GLY A 125 4.03 -6.30 16.14
C GLY A 125 4.43 -6.86 17.48
N ASP A 126 5.70 -7.22 17.62
CA ASP A 126 6.23 -7.69 18.89
C ASP A 126 6.88 -6.59 19.71
N GLY A 127 6.81 -5.34 19.25
CA GLY A 127 7.40 -4.22 19.94
C GLY A 127 8.86 -4.00 19.65
N GLN A 128 9.52 -4.95 18.99
CA GLN A 128 10.94 -4.86 18.66
C GLN A 128 11.16 -4.74 17.16
N THR A 129 10.61 -5.67 16.38
CA THR A 129 10.70 -5.57 14.93
C THR A 129 9.66 -4.61 14.38
N PHE A 130 8.43 -4.64 14.92
CA PHE A 130 7.36 -3.74 14.52
C PHE A 130 6.59 -3.27 15.74
N ILE A 131 6.04 -2.06 15.64
CA ILE A 131 4.93 -1.58 16.45
C ILE A 131 3.66 -1.76 15.61
N PRO A 132 2.48 -1.45 16.13
CA PRO A 132 1.26 -1.83 15.39
C PRO A 132 1.27 -1.28 13.96
N LEU A 133 1.05 -2.18 13.00
CA LEU A 133 1.47 -1.90 11.63
C LEU A 133 0.56 -0.91 10.91
N SER A 134 -0.66 -0.70 11.39
CA SER A 134 -1.51 0.32 10.82
C SER A 134 -0.98 1.73 11.07
N GLY A 135 0.05 1.90 11.90
CA GLY A 135 0.68 3.20 12.08
C GLY A 135 1.39 3.73 10.85
N GLY A 136 1.60 2.89 9.83
CA GLY A 136 2.28 3.31 8.63
C GLY A 136 1.28 3.52 7.50
N ILE A 137 1.19 4.75 7.01
CA ILE A 137 0.28 5.03 5.91
C ILE A 137 0.68 4.21 4.67
N ASP A 138 1.98 4.08 4.41
CA ASP A 138 2.42 3.27 3.28
C ASP A 138 2.02 1.81 3.46
N VAL A 139 2.00 1.30 4.70
CA VAL A 139 1.54 -0.06 4.97
C VAL A 139 0.05 -0.21 4.68
N VAL A 140 -0.77 0.68 5.24
CA VAL A 140 -2.21 0.61 5.00
C VAL A 140 -2.51 0.65 3.50
N ALA A 141 -1.88 1.59 2.79
CA ALA A 141 -2.14 1.71 1.35
C ALA A 141 -1.58 0.50 0.59
N HIS A 142 -0.44 -0.06 1.04
CA HIS A 142 0.07 -1.31 0.48
C HIS A 142 -1.00 -2.41 0.58
N GLU A 143 -1.64 -2.55 1.74
CA GLU A 143 -2.63 -3.61 1.91
C GLU A 143 -3.86 -3.37 1.05
N LEU A 144 -4.41 -2.14 1.06
CA LEU A 144 -5.60 -1.90 0.24
C LEU A 144 -5.28 -2.05 -1.23
N THR A 145 -4.04 -1.74 -1.64
CA THR A 145 -3.68 -1.92 -3.03
C THR A 145 -3.68 -3.40 -3.43
N HIS A 146 -3.39 -4.32 -2.51
CA HIS A 146 -3.56 -5.74 -2.86
C HIS A 146 -4.99 -6.03 -3.30
N ALA A 147 -5.99 -5.45 -2.63
CA ALA A 147 -7.38 -5.62 -3.06
C ALA A 147 -7.60 -5.05 -4.46
N VAL A 148 -7.07 -3.86 -4.73
CA VAL A 148 -7.19 -3.26 -6.06
C VAL A 148 -6.61 -4.19 -7.11
N THR A 149 -5.38 -4.67 -6.87
CA THR A 149 -4.74 -5.61 -7.78
C THR A 149 -5.61 -6.84 -8.01
N ASP A 150 -6.12 -7.43 -6.93
CA ASP A 150 -6.90 -8.65 -7.05
C ASP A 150 -8.17 -8.46 -7.88
N TYR A 151 -8.78 -7.28 -7.83
CA TYR A 151 -9.98 -6.98 -8.59
C TYR A 151 -9.69 -6.57 -10.03
N THR A 152 -8.43 -6.26 -10.35
CA THR A 152 -8.08 -5.74 -11.67
C THR A 152 -7.17 -6.75 -12.34
N ALA A 153 -5.85 -6.52 -12.38
CA ALA A 153 -4.94 -7.42 -13.09
C ALA A 153 -5.01 -8.84 -12.55
N GLY A 154 -5.18 -9.00 -11.24
CA GLY A 154 -5.30 -10.33 -10.67
C GLY A 154 -4.01 -11.11 -10.59
N LEU A 155 -2.90 -10.38 -10.52
CA LEU A 155 -1.57 -10.99 -10.52
C LEU A 155 -1.44 -12.09 -9.49
N ILE A 156 -1.09 -13.28 -9.98
CA ILE A 156 -0.91 -14.47 -9.14
C ILE A 156 0.27 -14.24 -8.19
N TYR A 157 0.11 -14.65 -6.93
CA TYR A 157 1.06 -14.27 -5.88
C TYR A 157 2.25 -15.24 -5.79
N GLN A 158 2.98 -15.35 -6.89
N GLN A 158 3.02 -15.30 -6.88
CA GLN A 158 4.21 -16.15 -6.89
CA GLN A 158 4.12 -16.24 -7.03
C GLN A 158 5.06 -15.74 -8.07
C GLN A 158 5.06 -15.75 -8.12
N ASN A 159 6.36 -15.93 -7.91
CA ASN A 159 7.36 -15.71 -8.99
C ASN A 159 7.22 -14.29 -9.54
N GLU A 160 7.39 -14.06 -10.85
CA GLU A 160 7.45 -12.69 -11.34
C GLU A 160 6.12 -11.96 -11.21
N SER A 161 5.00 -12.63 -11.52
CA SER A 161 3.71 -11.96 -11.36
C SER A 161 3.52 -11.52 -9.92
N GLY A 162 3.97 -12.33 -8.97
CA GLY A 162 3.83 -11.98 -7.56
C GLY A 162 4.73 -10.85 -7.14
N ALA A 163 5.95 -10.79 -7.70
CA ALA A 163 6.84 -9.65 -7.44
C ALA A 163 6.28 -8.36 -8.03
N ILE A 164 5.61 -8.44 -9.19
CA ILE A 164 4.90 -7.26 -9.71
C ILE A 164 3.78 -6.86 -8.75
N ASN A 165 2.99 -7.84 -8.31
CA ASN A 165 1.93 -7.60 -7.33
C ASN A 165 2.48 -6.85 -6.12
N GLU A 166 3.59 -7.33 -5.57
CA GLU A 166 4.22 -6.66 -4.43
C GLU A 166 4.67 -5.24 -4.77
N ALA A 167 5.33 -5.07 -5.92
CA ALA A 167 5.82 -3.75 -6.28
C ALA A 167 4.67 -2.78 -6.47
N ILE A 168 3.56 -3.23 -7.08
CA ILE A 168 2.41 -2.36 -7.24
C ILE A 168 1.94 -1.84 -5.88
N SER A 169 1.89 -2.73 -4.88
CA SER A 169 1.50 -2.32 -3.52
C SER A 169 2.52 -1.38 -2.89
N ASP A 170 3.82 -1.58 -3.10
CA ASP A 170 4.83 -0.63 -2.59
C ASP A 170 4.76 0.72 -3.32
N ILE A 171 4.56 0.69 -4.64
CA ILE A 171 4.47 1.91 -5.44
C ILE A 171 3.29 2.75 -4.98
N PHE A 172 2.09 2.16 -4.97
CA PHE A 172 0.93 2.96 -4.54
C PHE A 172 0.93 3.24 -3.05
N GLY A 173 1.52 2.37 -2.23
CA GLY A 173 1.69 2.73 -0.83
C GLY A 173 2.49 4.00 -0.68
N THR A 174 3.58 4.11 -1.46
CA THR A 174 4.43 5.30 -1.47
C THR A 174 3.71 6.51 -2.07
N LEU A 175 2.98 6.33 -3.15
CA LEU A 175 2.26 7.47 -3.73
C LEU A 175 1.17 7.99 -2.79
N VAL A 176 0.51 7.10 -2.04
CA VAL A 176 -0.44 7.55 -1.02
C VAL A 176 0.29 8.30 0.08
N GLU A 177 1.46 7.79 0.50
CA GLU A 177 2.24 8.51 1.51
C GLU A 177 2.60 9.91 1.03
N PHE A 178 2.99 10.07 -0.23
CA PHE A 178 3.24 11.41 -0.76
C PHE A 178 1.96 12.24 -0.83
N TYR A 179 0.83 11.62 -1.20
CA TYR A 179 -0.45 12.31 -1.27
C TYR A 179 -0.81 12.95 0.06
N ALA A 180 -0.62 12.21 1.16
CA ALA A 180 -0.91 12.74 2.49
C ALA A 180 0.14 13.75 2.92
N ASN A 181 1.36 13.61 2.42
CA ASN A 181 2.43 14.61 2.53
C ASN A 181 2.93 14.82 3.96
N LYS A 182 3.00 13.75 4.74
CA LYS A 182 3.65 13.77 6.05
C LYS A 182 4.88 12.88 6.00
N ASN A 183 6.06 13.51 6.07
CA ASN A 183 7.34 12.82 6.03
C ASN A 183 7.42 11.80 4.90
N PRO A 184 7.09 12.18 3.66
CA PRO A 184 7.07 11.18 2.60
C PRO A 184 8.46 10.80 2.15
N ASP A 185 8.59 9.56 1.72
CA ASP A 185 9.87 9.03 1.27
C ASP A 185 9.59 7.86 0.33
N TRP A 186 10.66 7.28 -0.19
CA TRP A 186 10.64 6.12 -1.07
C TRP A 186 11.04 4.85 -0.32
N GLU A 187 10.87 4.83 1.00
CA GLU A 187 11.12 3.68 1.86
C GLU A 187 9.78 3.08 2.28
N ILE A 188 9.79 1.80 2.63
CA ILE A 188 8.55 1.09 2.98
C ILE A 188 8.55 0.74 4.48
N GLY A 189 7.54 1.24 5.21
CA GLY A 189 7.29 0.79 6.57
C GLY A 189 8.11 1.46 7.65
N GLU A 190 8.85 2.51 7.31
CA GLU A 190 9.76 3.15 8.27
C GLU A 190 9.05 3.64 9.53
N ASP A 191 7.77 4.01 9.46
CA ASP A 191 7.13 4.59 10.64
C ASP A 191 6.79 3.56 11.70
N VAL A 192 6.75 2.27 11.35
CA VAL A 192 6.38 1.22 12.29
C VAL A 192 7.44 0.16 12.45
N TYR A 193 8.57 0.29 11.77
CA TYR A 193 9.63 -0.72 11.80
C TYR A 193 10.69 -0.34 12.82
N THR A 194 11.13 -1.35 13.60
CA THR A 194 12.25 -1.27 14.54
C THR A 194 12.27 0.04 15.32
N PRO A 195 11.41 0.18 16.32
CA PRO A 195 11.40 1.43 17.09
C PRO A 195 12.74 1.75 17.75
N GLY A 196 13.60 0.78 18.00
CA GLY A 196 14.89 1.07 18.59
C GLY A 196 16.00 1.44 17.64
N ILE A 197 15.75 1.42 16.33
CA ILE A 197 16.74 1.74 15.30
C ILE A 197 16.19 2.85 14.42
N SER A 198 16.90 3.96 14.34
CA SER A 198 16.48 5.09 13.53
C SER A 198 17.00 4.95 12.10
N GLY A 199 16.22 5.44 11.14
CA GLY A 199 16.70 5.63 9.80
C GLY A 199 16.61 4.41 8.91
N ASP A 200 16.01 3.32 9.37
CA ASP A 200 15.88 2.11 8.59
C ASP A 200 14.42 1.91 8.16
N SER A 201 14.20 0.83 7.41
CA SER A 201 12.88 0.52 6.89
C SER A 201 12.89 -0.95 6.49
N LEU A 202 11.72 -1.45 6.11
CA LEU A 202 11.61 -2.84 5.68
C LEU A 202 12.18 -3.06 4.28
N ARG A 203 11.90 -2.13 3.36
CA ARG A 203 12.43 -2.12 2.01
C ARG A 203 12.71 -0.69 1.62
N SER A 204 13.58 -0.53 0.64
CA SER A 204 13.85 0.76 0.02
C SER A 204 13.53 0.64 -1.46
N MET A 205 12.78 1.60 -1.99
CA MET A 205 12.58 1.66 -3.43
C MET A 205 13.70 2.42 -4.13
N SER A 206 14.28 3.42 -3.46
CA SER A 206 15.35 4.20 -4.04
C SER A 206 16.64 3.39 -4.13
N ASP A 207 16.86 2.47 -3.19
CA ASP A 207 18.07 1.65 -3.16
C ASP A 207 17.72 0.30 -2.56
N PRO A 208 17.05 -0.58 -3.31
CA PRO A 208 16.62 -1.86 -2.74
C PRO A 208 17.76 -2.66 -2.13
N ALA A 209 18.96 -2.53 -2.67
CA ALA A 209 20.07 -3.33 -2.19
C ALA A 209 20.48 -2.99 -0.78
N LYS A 210 20.06 -1.83 -0.26
CA LYS A 210 20.35 -1.48 1.13
C LYS A 210 19.88 -2.56 2.09
N TYR A 211 18.82 -3.29 1.73
CA TYR A 211 18.29 -4.37 2.57
C TYR A 211 18.42 -5.73 1.89
N GLY A 212 19.35 -5.86 0.94
CA GLY A 212 19.60 -7.15 0.30
C GLY A 212 18.65 -7.51 -0.81
N ASP A 213 17.82 -6.57 -1.27
CA ASP A 213 16.93 -6.88 -2.37
C ASP A 213 17.55 -6.46 -3.70
N PRO A 214 17.30 -7.22 -4.76
CA PRO A 214 17.90 -6.92 -6.06
C PRO A 214 17.42 -5.61 -6.65
N ASP A 215 18.35 -4.95 -7.36
CA ASP A 215 18.09 -3.72 -8.10
C ASP A 215 18.39 -3.88 -9.57
N HIS A 216 18.48 -5.12 -10.03
CA HIS A 216 18.76 -5.44 -11.42
C HIS A 216 18.30 -6.87 -11.65
N TYR A 217 17.73 -7.13 -12.83
CA TYR A 217 17.19 -8.45 -13.14
C TYR A 217 18.24 -9.55 -13.04
N SER A 218 19.51 -9.24 -13.31
CA SER A 218 20.55 -10.25 -13.21
C SER A 218 20.80 -10.71 -11.78
N LYS A 219 20.24 -10.02 -10.79
CA LYS A 219 20.37 -10.38 -9.38
C LYS A 219 19.09 -10.97 -8.81
N ARG A 220 18.14 -11.33 -9.67
CA ARG A 220 16.87 -11.87 -9.19
C ARG A 220 17.07 -13.19 -8.44
N TYR A 221 16.20 -13.40 -7.47
CA TYR A 221 16.12 -14.65 -6.74
C TYR A 221 15.22 -15.63 -7.48
N THR A 222 15.65 -16.90 -7.58
CA THR A 222 14.78 -17.88 -8.25
C THR A 222 14.58 -19.14 -7.43
N GLY A 223 14.78 -19.07 -6.11
CA GLY A 223 14.43 -20.17 -5.24
C GLY A 223 12.96 -20.12 -4.88
N THR A 224 12.59 -20.92 -3.89
CA THR A 224 11.19 -21.13 -3.55
C THR A 224 10.71 -20.36 -2.33
N GLN A 225 11.62 -19.79 -1.53
CA GLN A 225 11.21 -19.06 -0.35
C GLN A 225 10.33 -17.87 -0.75
N ASP A 226 9.43 -17.47 0.14
CA ASP A 226 8.65 -16.25 -0.04
C ASP A 226 7.87 -16.27 -1.36
N ASN A 227 7.26 -17.43 -1.68
CA ASN A 227 6.46 -17.60 -2.88
C ASN A 227 7.29 -17.29 -4.13
N GLY A 228 8.55 -17.70 -4.10
CA GLY A 228 9.44 -17.39 -5.19
C GLY A 228 9.98 -15.99 -5.15
N GLY A 229 10.18 -15.43 -3.95
CA GLY A 229 10.81 -14.13 -3.80
C GLY A 229 9.93 -12.92 -4.05
N VAL A 230 8.63 -12.99 -3.76
CA VAL A 230 7.75 -11.88 -4.15
C VAL A 230 8.12 -10.57 -3.45
N HIS A 231 8.61 -10.62 -2.21
CA HIS A 231 9.02 -9.44 -1.46
C HIS A 231 10.49 -9.10 -1.68
N ILE A 232 11.19 -9.89 -2.50
CA ILE A 232 12.61 -9.74 -2.79
C ILE A 232 12.74 -9.16 -4.20
N ASN A 233 12.24 -9.90 -5.19
CA ASN A 233 12.30 -9.44 -6.58
C ASN A 233 11.44 -8.22 -6.86
N SER A 234 10.55 -7.85 -5.94
CA SER A 234 9.86 -6.58 -6.07
C SER A 234 10.85 -5.43 -6.15
N GLY A 235 12.06 -5.58 -5.60
CA GLY A 235 13.03 -4.50 -5.63
C GLY A 235 13.41 -4.09 -7.05
N ILE A 236 13.37 -5.03 -8.00
CA ILE A 236 13.72 -4.71 -9.37
C ILE A 236 12.72 -3.75 -9.97
N ILE A 237 11.43 -4.00 -9.72
CA ILE A 237 10.36 -3.14 -10.23
C ILE A 237 10.26 -1.85 -9.43
N ASN A 238 10.43 -1.93 -8.10
CA ASN A 238 10.45 -0.73 -7.28
C ASN A 238 11.54 0.23 -7.75
N LYS A 239 12.72 -0.30 -8.07
CA LYS A 239 13.80 0.54 -8.56
C LYS A 239 13.43 1.19 -9.88
N ALA A 240 12.84 0.41 -10.80
CA ALA A 240 12.40 0.98 -12.07
C ALA A 240 11.40 2.12 -11.86
N ALA A 241 10.45 1.92 -10.95
CA ALA A 241 9.44 2.94 -10.68
C ALA A 241 10.07 4.20 -10.09
N TYR A 242 10.96 4.01 -9.11
CA TYR A 242 11.71 5.12 -8.53
C TYR A 242 12.46 5.90 -9.63
N LEU A 243 13.13 5.19 -10.55
CA LEU A 243 13.86 5.87 -11.60
C LEU A 243 12.93 6.65 -12.54
N ILE A 244 11.80 6.06 -12.93
CA ILE A 244 10.85 6.76 -13.77
C ILE A 244 10.46 8.09 -13.13
N SER A 245 10.16 8.06 -11.83
CA SER A 245 9.71 9.27 -11.15
C SER A 245 10.85 10.26 -10.95
N GLN A 246 11.96 9.81 -10.38
CA GLN A 246 12.97 10.69 -9.82
C GLN A 246 14.20 10.83 -10.70
N GLY A 247 14.38 9.93 -11.66
CA GLY A 247 15.56 9.93 -12.49
C GLY A 247 16.80 9.41 -11.79
N GLY A 248 17.86 9.24 -12.57
CA GLY A 248 19.15 8.83 -12.05
C GLY A 248 19.91 8.05 -13.10
N THR A 249 21.15 7.73 -12.80
CA THR A 249 21.98 6.86 -13.63
C THR A 249 22.31 5.64 -12.80
N HIS A 250 21.92 4.47 -13.30
CA HIS A 250 21.94 3.22 -12.55
C HIS A 250 22.59 2.17 -13.44
N TYR A 251 23.68 1.56 -12.97
CA TYR A 251 24.52 0.67 -13.78
C TYR A 251 24.87 1.30 -15.12
N GLY A 252 25.15 2.60 -15.08
CA GLY A 252 25.58 3.33 -16.26
C GLY A 252 24.48 3.77 -17.20
N VAL A 253 23.21 3.49 -16.90
CA VAL A 253 22.07 3.83 -17.76
C VAL A 253 21.37 5.03 -17.15
N SER A 254 21.25 6.12 -17.93
CA SER A 254 20.67 7.36 -17.44
C SER A 254 19.17 7.42 -17.71
N VAL A 255 18.41 7.81 -16.70
CA VAL A 255 16.96 7.91 -16.76
C VAL A 255 16.56 9.35 -16.44
N VAL A 256 15.79 9.97 -17.32
CA VAL A 256 15.24 11.29 -17.06
C VAL A 256 13.94 11.13 -16.27
N GLY A 257 13.90 11.69 -15.07
CA GLY A 257 12.70 11.55 -14.25
C GLY A 257 11.55 12.39 -14.78
N ILE A 258 10.33 11.87 -14.59
CA ILE A 258 9.11 12.52 -15.04
C ILE A 258 8.16 12.86 -13.89
N GLY A 259 8.50 12.49 -12.67
CA GLY A 259 7.72 12.86 -11.50
C GLY A 259 6.72 11.80 -11.07
N ARG A 260 6.26 11.95 -9.81
CA ARG A 260 5.42 10.94 -9.18
C ARG A 260 4.05 10.83 -9.83
N ASP A 261 3.45 11.97 -10.19
CA ASP A 261 2.08 11.92 -10.70
C ASP A 261 2.02 11.12 -11.99
N LYS A 262 2.98 11.35 -12.90
CA LYS A 262 3.00 10.60 -14.15
C LYS A 262 3.37 9.14 -13.91
N LEU A 263 4.26 8.85 -12.98
CA LEU A 263 4.50 7.45 -12.60
C LEU A 263 3.18 6.80 -12.23
N GLY A 264 2.41 7.45 -11.35
CA GLY A 264 1.17 6.85 -10.88
C GLY A 264 0.17 6.64 -12.00
N LYS A 265 0.07 7.61 -12.92
CA LYS A 265 -0.86 7.45 -14.04
C LYS A 265 -0.45 6.27 -14.92
N ILE A 266 0.85 6.14 -15.20
CA ILE A 266 1.32 5.08 -16.07
C ILE A 266 1.08 3.72 -15.43
N PHE A 267 1.43 3.57 -14.16
CA PHE A 267 1.28 2.27 -13.52
C PHE A 267 -0.17 1.94 -13.23
N TYR A 268 -1.01 2.94 -12.91
CA TYR A 268 -2.44 2.66 -12.71
C TYR A 268 -3.06 2.16 -14.01
N ARG A 269 -2.72 2.79 -15.13
CA ARG A 269 -3.25 2.33 -16.42
C ARG A 269 -2.72 0.95 -16.77
N ALA A 270 -1.43 0.70 -16.51
CA ALA A 270 -0.90 -0.63 -16.80
C ALA A 270 -1.63 -1.68 -16.00
N LEU A 271 -1.83 -1.41 -14.71
CA LEU A 271 -2.48 -2.36 -13.80
C LEU A 271 -3.91 -2.67 -14.23
N THR A 272 -4.64 -1.65 -14.67
CA THR A 272 -6.08 -1.78 -14.90
C THR A 272 -6.46 -2.06 -16.35
N GLN A 273 -5.56 -1.83 -17.30
CA GLN A 273 -5.87 -2.05 -18.70
C GLN A 273 -5.01 -3.10 -19.40
N TYR A 274 -3.81 -3.41 -18.90
CA TYR A 274 -2.91 -4.24 -19.70
C TYR A 274 -2.39 -5.47 -18.99
N LEU A 275 -2.16 -5.41 -17.69
CA LEU A 275 -1.63 -6.58 -16.99
C LEU A 275 -2.71 -7.66 -16.82
N THR A 276 -2.25 -8.90 -16.71
CA THR A 276 -3.11 -10.07 -16.53
C THR A 276 -2.57 -10.87 -15.38
N PRO A 277 -3.28 -11.93 -14.97
CA PRO A 277 -2.82 -12.66 -13.77
C PRO A 277 -1.42 -13.23 -13.89
N THR A 278 -0.96 -13.58 -15.09
CA THR A 278 0.33 -14.23 -15.26
C THR A 278 1.41 -13.31 -15.84
N SER A 279 1.20 -12.00 -15.89
CA SER A 279 2.20 -11.12 -16.47
C SER A 279 3.55 -11.28 -15.80
N ASN A 280 4.62 -11.30 -16.60
CA ASN A 280 5.99 -11.31 -16.11
C ASN A 280 6.62 -9.91 -16.26
N PHE A 281 7.88 -9.79 -15.84
CA PHE A 281 8.51 -8.47 -15.84
C PHE A 281 8.58 -7.87 -17.25
N SER A 282 8.90 -8.70 -18.24
CA SER A 282 8.98 -8.20 -19.62
C SER A 282 7.62 -7.69 -20.08
N GLN A 283 6.56 -8.39 -19.70
CA GLN A 283 5.20 -7.97 -20.05
C GLN A 283 4.79 -6.71 -19.28
N LEU A 284 5.29 -6.53 -18.06
CA LEU A 284 5.07 -5.25 -17.37
C LEU A 284 5.73 -4.11 -18.12
N ARG A 285 6.97 -4.29 -18.56
CA ARG A 285 7.62 -3.25 -19.35
C ARG A 285 6.75 -2.86 -20.53
N ALA A 286 6.26 -3.86 -21.27
CA ALA A 286 5.44 -3.57 -22.45
C ALA A 286 4.16 -2.85 -22.06
N ALA A 287 3.54 -3.28 -20.97
CA ALA A 287 2.32 -2.63 -20.46
C ALA A 287 2.58 -1.16 -20.08
N ALA A 288 3.70 -0.90 -19.41
CA ALA A 288 4.03 0.48 -19.03
C ALA A 288 4.36 1.33 -20.26
N VAL A 289 5.06 0.76 -21.24
CA VAL A 289 5.34 1.49 -22.48
C VAL A 289 4.04 1.84 -23.18
N GLN A 290 3.12 0.88 -23.29
CA GLN A 290 1.86 1.15 -23.96
C GLN A 290 1.04 2.17 -23.20
N SER A 291 1.04 2.07 -21.86
CA SER A 291 0.28 3.01 -21.05
C SER A 291 0.79 4.43 -21.22
N ALA A 292 2.12 4.60 -21.18
CA ALA A 292 2.69 5.92 -21.38
C ALA A 292 2.43 6.43 -22.79
N THR A 293 2.42 5.54 -23.77
CA THR A 293 2.07 5.92 -25.14
C THR A 293 0.63 6.44 -25.20
N ASP A 294 -0.32 5.71 -24.60
CA ASP A 294 -1.71 6.15 -24.56
C ASP A 294 -1.83 7.53 -23.93
N LEU A 295 -1.12 7.76 -22.83
CA LEU A 295 -1.33 8.97 -22.04
C LEU A 295 -0.58 10.17 -22.61
N TYR A 296 0.60 9.94 -23.20
CA TYR A 296 1.53 11.03 -23.51
C TYR A 296 2.04 11.04 -24.94
N GLY A 297 1.87 9.98 -25.70
CA GLY A 297 2.27 9.94 -27.10
C GLY A 297 3.55 9.16 -27.29
N SER A 298 3.67 8.51 -28.46
CA SER A 298 4.78 7.60 -28.70
C SER A 298 6.13 8.32 -28.69
N THR A 299 6.17 9.59 -29.10
CA THR A 299 7.41 10.33 -29.13
C THR A 299 7.70 11.10 -27.83
N SER A 300 6.94 10.84 -26.76
CA SER A 300 7.05 11.64 -25.56
C SER A 300 8.28 11.27 -24.73
N GLN A 301 8.70 12.22 -23.90
CA GLN A 301 9.73 11.94 -22.89
C GLN A 301 9.27 10.82 -21.96
N GLU A 302 7.97 10.81 -21.63
CA GLU A 302 7.47 9.82 -20.68
C GLU A 302 7.70 8.40 -21.20
N VAL A 303 7.42 8.15 -22.47
CA VAL A 303 7.70 6.84 -23.05
C VAL A 303 9.19 6.55 -23.04
N ALA A 304 10.01 7.53 -23.44
CA ALA A 304 11.45 7.32 -23.47
C ALA A 304 11.99 6.98 -22.08
N SER A 305 11.48 7.65 -21.04
CA SER A 305 11.94 7.40 -19.68
C SER A 305 11.51 6.03 -19.16
N VAL A 306 10.30 5.58 -19.51
CA VAL A 306 9.90 4.22 -19.13
C VAL A 306 10.90 3.22 -19.70
N LYS A 307 11.26 3.37 -20.97
CA LYS A 307 12.21 2.44 -21.60
C LYS A 307 13.57 2.50 -20.92
N GLN A 308 14.06 3.73 -20.63
N GLN A 308 14.08 3.70 -20.61
CA GLN A 308 15.33 3.90 -19.95
CA GLN A 308 15.40 3.78 -19.97
C GLN A 308 15.35 3.18 -18.61
C GLN A 308 15.36 3.15 -18.58
N ALA A 309 14.26 3.34 -17.83
CA ALA A 309 14.20 2.78 -16.48
C ALA A 309 14.24 1.25 -16.50
N PHE A 310 13.45 0.64 -17.38
CA PHE A 310 13.49 -0.81 -17.48
C PHE A 310 14.84 -1.29 -18.02
N ASP A 311 15.44 -0.55 -18.96
CA ASP A 311 16.80 -0.88 -19.39
C ASP A 311 17.76 -0.85 -18.19
N ALA A 312 17.62 0.17 -17.33
CA ALA A 312 18.53 0.33 -16.21
C ALA A 312 18.49 -0.85 -15.26
N VAL A 313 17.32 -1.49 -15.10
CA VAL A 313 17.19 -2.64 -14.21
C VAL A 313 17.25 -3.97 -14.98
N GLY A 314 17.63 -3.93 -16.24
CA GLY A 314 17.88 -5.16 -16.97
C GLY A 314 16.67 -5.90 -17.45
N VAL A 315 15.54 -5.22 -17.64
CA VAL A 315 14.29 -5.85 -18.07
C VAL A 315 14.00 -5.40 -19.49
N LYS A 316 13.98 -6.35 -20.41
CA LYS A 316 13.72 -6.06 -21.81
C LYS A 316 12.31 -6.49 -22.23
ZN ZN B . 2.23 -7.08 0.00
CA CA C . -13.47 6.27 24.32
CA CA D . 7.44 5.26 3.45
CA CA E . 7.69 8.38 5.60
CA CA F . 13.29 1.76 12.83
S DMS G . 24.41 -6.18 -14.54
O DMS G . 25.42 -6.98 -15.33
C1 DMS G . 25.01 -6.09 -12.84
C2 DMS G . 24.66 -4.44 -14.96
S DMS H . -0.10 -14.98 5.87
O DMS H . 0.67 -16.04 6.59
C1 DMS H . -1.53 -14.53 6.88
C2 DMS H . 0.81 -13.41 5.89
S DMS I . -25.61 4.74 8.62
O DMS I . -27.05 4.42 8.86
C1 DMS I . -25.08 3.72 7.21
C2 DMS I . -25.61 6.34 7.75
S DMS J . 4.81 15.87 -9.40
O DMS J . 4.62 14.64 -10.22
C1 DMS J . 6.57 16.32 -9.30
C2 DMS J . 4.10 17.30 -10.25
C10 8KK K . 1.55 -10.05 3.13
C11 8KK K . 0.40 -11.94 1.88
C12 8KK K . -0.96 -13.46 0.63
C13 8KK K . -2.29 -13.87 1.26
C14 8KK K . -2.40 -13.91 2.63
C15 8KK K . -3.59 -14.28 3.24
C16 8KK K . -4.69 -14.61 2.47
O01 8KK K . 0.51 -7.64 2.32
P01 8KK K . 1.82 -8.29 2.67
N01 8KK K . 2.58 -7.61 4.02
C01 8KK K . 3.60 -6.59 3.84
C02 8KK K . 3.59 -5.72 5.10
C03 8KK K . 4.59 -4.56 5.04
C04 8KK K . 4.74 -3.92 6.43
C05 8KK K . 4.14 -3.51 4.04
C06 8KK K . 4.98 -7.19 3.69
N02 8KK K . 5.24 -8.38 4.42
C07 8KK K . 6.53 -9.01 4.41
C08 8KK K . 6.89 -9.49 5.82
C09 8KK K . 6.77 -8.44 6.91
N03 8KK K . 7.17 -9.05 8.18
O02 8KK K . 5.84 -6.70 3.02
O03 8KK K . 2.81 -8.21 1.50
N04 8KK K . 0.50 -10.59 2.29
O04 8KK K . -0.65 -12.14 1.00
C17 8KK K . -4.59 -14.55 1.09
C18 8KK K . -3.40 -14.17 0.48
O05 8KK K . 1.15 -12.76 2.26
#